data_2YIE
#
_entry.id   2YIE
#
_cell.length_a   73.679
_cell.length_b   73.679
_cell.length_c   139.251
_cell.angle_alpha   90.00
_cell.angle_beta   90.00
_cell.angle_gamma   120.00
#
_symmetry.space_group_name_H-M   'P 31 2 1'
#
loop_
_entity.id
_entity.type
_entity.pdbx_description
1 polymer 'FMN RIBOSWITCH'
2 polymer 'FMN RIBOSWITCH'
3 non-polymer 'MAGNESIUM ION'
4 non-polymer 'POTASSIUM ION'
5 non-polymer 'FLAVIN MONONUCLEOTIDE'
6 water water
#
loop_
_entity_poly.entity_id
_entity_poly.type
_entity_poly.pdbx_seq_one_letter_code
_entity_poly.pdbx_strand_id
1 'polyribonucleotide' (GTP)GAUCUUCGGGGCAGGGUGAAAUUCCCGACCGGUGGUAUAGUCCACGAAUCCAU X
2 'polyribonucleotide' (GTP)GAUUGAUUUGGUGAAAUUCCAAAACCGACAGUAGAGUCUGGAUGAGAGAAGAUUCG Z
#